data_4OQ8
#
_entry.id   4OQ8
#
_cell.length_a   172.690
_cell.length_b   190.300
_cell.length_c   201.690
_cell.angle_alpha   90.00
_cell.angle_beta   90.00
_cell.angle_gamma   90.00
#
_symmetry.space_group_name_H-M   'I 2 2 2'
#
loop_
_entity.id
_entity.type
_entity.pdbx_description
1 polymer 'Coat protein'
2 polymer "RNA (5'-R(P*AP*AP*AP*AP*AP*AP*AP*AP*AP*A)-3')"
3 polymer "RNA (5'-R(P*UP*UP*UP*UP*UP*UP*UP*UP*UP*U)-3')"
4 polymer "RNA (5'-R(P*UP*U)-3')"
5 non-polymer 'PHOSPHATE ION'
6 non-polymer 'SULFATE ION'
7 non-polymer 'MAGNESIUM ION'
8 water water
#
loop_
_entity_poly.entity_id
_entity_poly.type
_entity_poly.pdbx_seq_one_letter_code
_entity_poly.pdbx_strand_id
1 'polypeptide(L)'
;MGRGKVKPNRKSTGDNSNVVTMIRAGSYPKVNPTPTWVRAIPFEVSVQSGIAFKVPVGSLFSANFRTDSFTSVTVMSVRA
WTQLTPPVNEYSFVRLKPLFKTGDSTEEFEGRASNINTRASVGYRIPTNLRQNTVAADNVCEVRSNCRQVALVISCCFN
;
A
2 'polyribonucleotide' AAAAAAAAAA B
3 'polyribonucleotide' UUUUUUUUUU C
4 'polyribonucleotide' UU D
#
loop_
_chem_comp.id
_chem_comp.type
_chem_comp.name
_chem_comp.formula
A RNA linking ADENOSINE-5'-MONOPHOSPHATE 'C10 H14 N5 O7 P'
MG non-polymer 'MAGNESIUM ION' 'Mg 2'
PO4 non-polymer 'PHOSPHATE ION' 'O4 P -3'
SO4 non-polymer 'SULFATE ION' 'O4 S -2'
U RNA linking URIDINE-5'-MONOPHOSPHATE 'C9 H13 N2 O9 P'
#
# COMPACT_ATOMS: atom_id res chain seq x y z
N ASN A 16 -39.76 6.82 -10.71
CA ASN A 16 -39.17 7.73 -9.75
C ASN A 16 -39.51 9.19 -10.09
N SER A 17 -39.28 10.08 -9.13
CA SER A 17 -39.57 11.51 -9.29
C SER A 17 -38.70 12.13 -10.40
N ASN A 18 -39.29 13.09 -11.12
CA ASN A 18 -38.61 13.82 -12.19
C ASN A 18 -38.37 15.28 -11.77
N VAL A 19 -38.83 15.65 -10.59
CA VAL A 19 -38.68 17.02 -10.08
C VAL A 19 -38.07 17.05 -8.68
N VAL A 20 -37.61 18.24 -8.30
CA VAL A 20 -37.08 18.47 -6.96
C VAL A 20 -38.23 18.30 -5.97
N THR A 21 -37.94 17.72 -4.81
CA THR A 21 -38.95 17.48 -3.78
C THR A 21 -38.41 17.91 -2.42
N MET A 22 -39.34 18.29 -1.56
CA MET A 22 -39.01 18.75 -0.21
CA MET A 22 -39.07 18.75 -0.19
C MET A 22 -38.52 17.61 0.69
N ILE A 23 -37.60 17.97 1.58
CA ILE A 23 -37.02 17.08 2.58
C ILE A 23 -37.41 17.72 3.92
N ARG A 24 -38.11 16.98 4.76
CA ARG A 24 -38.57 17.49 6.06
C ARG A 24 -37.47 17.34 7.10
N ALA A 25 -36.42 18.15 6.93
CA ALA A 25 -35.25 18.16 7.78
C ALA A 25 -35.62 18.46 9.24
N GLY A 26 -34.86 17.86 10.15
CA GLY A 26 -35.07 18.05 11.57
C GLY A 26 -33.98 18.91 12.18
N SER A 27 -33.44 18.46 13.30
CA SER A 27 -32.38 19.17 14.01
CA SER A 27 -32.37 19.18 14.01
C SER A 27 -31.05 19.05 13.27
N TYR A 28 -30.11 19.95 13.58
CA TYR A 28 -28.79 19.92 12.95
C TYR A 28 -28.09 18.60 13.31
N PRO A 29 -27.60 17.83 12.32
CA PRO A 29 -27.00 16.51 12.59
C PRO A 29 -25.56 16.60 13.08
N LYS A 30 -25.01 15.45 13.46
CA LYS A 30 -23.60 15.38 13.80
C LYS A 30 -22.90 15.44 12.45
N VAL A 31 -21.80 16.18 12.36
CA VAL A 31 -21.09 16.34 11.09
C VAL A 31 -19.59 16.12 11.29
N ASN A 32 -18.90 15.94 10.18
CA ASN A 32 -17.46 15.77 10.18
C ASN A 32 -16.94 16.19 8.81
N PRO A 33 -16.25 17.35 8.70
CA PRO A 33 -15.74 17.83 7.42
C PRO A 33 -14.54 17.03 6.90
N THR A 34 -13.84 16.35 7.79
CA THR A 34 -12.63 15.60 7.44
C THR A 34 -12.72 14.12 7.84
N PRO A 35 -13.50 13.30 7.12
CA PRO A 35 -13.69 11.89 7.45
C PRO A 35 -12.52 10.98 7.09
N THR A 36 -12.65 9.73 7.56
CA THR A 36 -11.69 8.66 7.26
C THR A 36 -11.97 8.16 5.85
N TRP A 37 -11.05 7.36 5.30
CA TRP A 37 -11.20 6.83 3.95
C TRP A 37 -10.45 5.51 3.78
N VAL A 38 -11.19 4.47 3.39
CA VAL A 38 -10.62 3.14 3.12
C VAL A 38 -10.21 3.13 1.65
N ARG A 39 -8.94 2.80 1.39
CA ARG A 39 -8.40 2.87 0.03
C ARG A 39 -7.48 1.71 -0.35
N ALA A 40 -7.23 1.64 -1.66
CA ALA A 40 -6.28 0.72 -2.29
C ALA A 40 -5.36 1.63 -3.09
N ILE A 41 -4.17 1.91 -2.53
CA ILE A 41 -3.22 2.87 -3.10
C ILE A 41 -2.14 2.23 -3.97
N PRO A 42 -2.08 2.54 -5.28
CA PRO A 42 -1.05 2.01 -6.17
C PRO A 42 0.13 2.97 -6.37
N PHE A 43 1.35 2.47 -6.17
CA PHE A 43 2.56 3.27 -6.38
C PHE A 43 3.74 2.35 -6.64
N GLU A 44 4.79 2.89 -7.24
CA GLU A 44 5.98 2.13 -7.58
C GLU A 44 7.19 2.57 -6.77
N VAL A 45 8.12 1.64 -6.61
CA VAL A 45 9.38 1.88 -5.92
C VAL A 45 10.52 1.32 -6.77
N SER A 46 11.69 1.96 -6.66
CA SER A 46 12.89 1.52 -7.35
C SER A 46 13.64 0.54 -6.45
N VAL A 47 14.11 -0.56 -7.05
CA VAL A 47 14.79 -1.62 -6.32
C VAL A 47 16.12 -1.94 -6.98
N GLN A 48 17.14 -2.21 -6.16
CA GLN A 48 18.48 -2.54 -6.61
C GLN A 48 18.79 -4.01 -6.33
N SER A 49 19.66 -4.59 -7.17
CA SER A 49 20.05 -5.99 -7.02
C SER A 49 20.72 -6.27 -5.66
N GLY A 50 20.20 -7.28 -4.97
CA GLY A 50 20.72 -7.72 -3.68
C GLY A 50 20.54 -6.76 -2.52
N ILE A 51 19.77 -5.69 -2.72
CA ILE A 51 19.55 -4.68 -1.68
C ILE A 51 18.05 -4.53 -1.37
N ALA A 52 17.75 -4.43 -0.08
CA ALA A 52 16.39 -4.24 0.39
C ALA A 52 16.02 -2.76 0.36
N PHE A 53 14.82 -2.46 -0.14
CA PHE A 53 14.32 -1.09 -0.20
CA PHE A 53 14.32 -1.09 -0.20
C PHE A 53 13.22 -0.91 0.86
N LYS A 54 13.43 0.05 1.76
CA LYS A 54 12.46 0.35 2.82
CA LYS A 54 12.45 0.35 2.82
C LYS A 54 11.38 1.25 2.24
N VAL A 55 10.14 0.74 2.19
CA VAL A 55 9.01 1.48 1.64
C VAL A 55 8.51 2.51 2.65
N PRO A 56 8.61 3.82 2.37
CA PRO A 56 8.16 4.85 3.31
C PRO A 56 6.64 5.04 3.30
N VAL A 57 6.07 5.17 4.50
CA VAL A 57 4.63 5.40 4.65
C VAL A 57 4.26 6.75 4.00
N GLY A 58 5.21 7.69 4.00
CA GLY A 58 5.01 9.01 3.41
C GLY A 58 4.54 9.00 1.96
N SER A 59 4.85 7.93 1.23
CA SER A 59 4.45 7.78 -0.17
CA SER A 59 4.45 7.78 -0.17
C SER A 59 2.93 7.65 -0.30
N LEU A 60 2.25 7.29 0.79
CA LEU A 60 0.80 7.12 0.80
C LEU A 60 0.04 8.46 0.90
N PHE A 61 0.74 9.51 1.34
CA PHE A 61 0.14 10.85 1.48
C PHE A 61 0.58 11.70 0.30
N SER A 62 -0.35 11.97 -0.62
CA SER A 62 -0.05 12.75 -1.82
C SER A 62 -1.31 13.25 -2.48
N ALA A 63 -1.20 14.40 -3.15
CA ALA A 63 -2.30 14.96 -3.91
C ALA A 63 -2.67 14.00 -5.05
N ASN A 64 -1.68 13.20 -5.49
CA ASN A 64 -1.85 12.19 -6.55
C ASN A 64 -2.86 11.11 -6.16
N PHE A 65 -3.13 10.96 -4.86
CA PHE A 65 -4.08 9.97 -4.35
C PHE A 65 -5.25 10.65 -3.62
N ARG A 66 -5.27 11.99 -3.61
CA ARG A 66 -6.28 12.78 -2.91
C ARG A 66 -6.13 12.61 -1.38
N THR A 67 -4.92 12.26 -0.91
CA THR A 67 -4.68 11.98 0.50
C THR A 67 -3.70 12.93 1.21
N ASP A 68 -3.36 14.06 0.59
CA ASP A 68 -2.42 15.02 1.19
C ASP A 68 -2.95 15.69 2.47
N SER A 69 -4.26 15.62 2.73
CA SER A 69 -4.85 16.20 3.94
C SER A 69 -4.71 15.28 5.17
N PHE A 70 -4.27 14.04 4.95
CA PHE A 70 -4.08 13.07 6.03
C PHE A 70 -2.62 13.07 6.48
N THR A 71 -2.39 12.75 7.75
CA THR A 71 -1.03 12.66 8.31
C THR A 71 -0.80 11.28 8.94
N SER A 72 -1.87 10.49 9.03
CA SER A 72 -1.81 9.13 9.59
C SER A 72 -2.59 8.16 8.73
N VAL A 73 -2.21 6.90 8.82
CA VAL A 73 -2.85 5.83 8.06
C VAL A 73 -2.66 4.49 8.79
N THR A 74 -3.68 3.64 8.69
CA THR A 74 -3.63 2.29 9.25
C THR A 74 -3.57 1.30 8.10
N VAL A 75 -2.42 0.66 7.92
CA VAL A 75 -2.23 -0.30 6.83
C VAL A 75 -2.85 -1.65 7.21
N MET A 76 -3.62 -2.22 6.27
CA MET A 76 -4.30 -3.50 6.46
CA MET A 76 -4.30 -3.50 6.46
C MET A 76 -3.60 -4.64 5.71
N SER A 77 -3.18 -4.37 4.48
CA SER A 77 -2.49 -5.39 3.67
C SER A 77 -1.61 -4.73 2.62
N VAL A 78 -0.59 -5.48 2.20
CA VAL A 78 0.36 -5.03 1.19
C VAL A 78 0.51 -6.10 0.12
N ARG A 79 0.39 -5.68 -1.14
CA ARG A 79 0.57 -6.56 -2.29
CA ARG A 79 0.57 -6.55 -2.29
C ARG A 79 1.62 -5.93 -3.20
N ALA A 80 2.49 -6.77 -3.76
CA ALA A 80 3.56 -6.30 -4.63
C ALA A 80 3.70 -7.13 -5.88
N TRP A 81 4.04 -6.44 -6.97
CA TRP A 81 4.28 -7.04 -8.27
C TRP A 81 5.55 -6.48 -8.86
N THR A 82 6.32 -7.29 -9.58
CA THR A 82 7.48 -6.76 -10.28
C THR A 82 6.93 -5.89 -11.42
N GLN A 83 7.57 -4.75 -11.67
CA GLN A 83 7.08 -3.73 -12.62
C GLN A 83 7.93 -3.59 -13.88
N LEU A 84 9.09 -4.21 -13.90
CA LEU A 84 9.97 -4.22 -15.08
C LEU A 84 10.44 -5.65 -15.28
N THR A 85 10.96 -5.94 -16.48
CA THR A 85 11.43 -7.29 -16.81
C THR A 85 12.66 -7.69 -15.97
N PRO A 86 12.85 -9.00 -15.75
CA PRO A 86 14.00 -9.49 -14.96
C PRO A 86 15.27 -9.58 -15.80
N PRO A 87 16.42 -9.89 -15.17
CA PRO A 87 17.68 -10.04 -15.91
C PRO A 87 17.61 -11.20 -16.90
N VAL A 88 18.48 -11.21 -17.90
CA VAL A 88 18.49 -12.27 -18.90
C VAL A 88 18.59 -13.66 -18.26
N ASN A 89 17.83 -14.60 -18.83
CA ASN A 89 17.76 -16.01 -18.41
C ASN A 89 16.98 -16.25 -17.11
N GLU A 90 16.54 -15.19 -16.43
CA GLU A 90 15.86 -15.34 -15.14
C GLU A 90 14.34 -15.14 -15.20
N TYR A 91 13.72 -15.62 -14.12
CA TYR A 91 12.30 -15.45 -13.85
C TYR A 91 12.21 -14.38 -12.77
N SER A 92 11.22 -13.50 -12.85
CA SER A 92 11.07 -12.46 -11.86
C SER A 92 10.78 -13.03 -10.47
N PHE A 93 11.16 -12.28 -9.44
CA PHE A 93 10.84 -12.61 -8.06
C PHE A 93 10.65 -11.32 -7.29
N VAL A 94 9.85 -11.39 -6.23
CA VAL A 94 9.63 -10.26 -5.33
C VAL A 94 9.47 -10.81 -3.92
N ARG A 95 10.08 -10.13 -2.95
CA ARG A 95 10.01 -10.50 -1.54
C ARG A 95 9.55 -9.32 -0.71
N LEU A 96 8.76 -9.61 0.31
CA LEU A 96 8.27 -8.60 1.25
C LEU A 96 8.58 -8.99 2.68
N LYS A 97 9.19 -8.06 3.42
CA LYS A 97 9.51 -8.24 4.84
CA LYS A 97 9.51 -8.24 4.84
C LYS A 97 8.76 -7.18 5.64
N PRO A 98 7.68 -7.55 6.36
CA PRO A 98 6.90 -6.56 7.14
C PRO A 98 7.76 -5.87 8.20
N LEU A 99 7.54 -4.56 8.33
CA LEU A 99 8.21 -3.74 9.33
C LEU A 99 7.15 -3.17 10.27
N PHE A 100 7.49 -3.05 11.56
CA PHE A 100 6.59 -2.52 12.58
C PHE A 100 7.38 -1.73 13.60
N LYS A 101 6.81 -0.61 14.06
CA LYS A 101 7.44 0.25 15.07
C LYS A 101 7.72 -0.49 16.37
N THR A 102 6.87 -1.46 16.74
CA THR A 102 7.05 -2.23 17.98
C THR A 102 8.00 -3.42 17.81
N GLY A 103 8.45 -3.67 16.58
CA GLY A 103 9.37 -4.78 16.31
C GLY A 103 9.23 -5.30 14.90
N ASP A 104 10.31 -5.22 14.12
CA ASP A 104 10.30 -5.68 12.74
C ASP A 104 10.25 -7.21 12.65
N SER A 105 9.59 -7.69 11.61
CA SER A 105 9.48 -9.12 11.36
CA SER A 105 9.48 -9.12 11.36
C SER A 105 10.71 -9.59 10.57
N THR A 106 10.89 -10.90 10.47
CA THR A 106 11.99 -11.49 9.73
C THR A 106 11.44 -12.42 8.65
N GLU A 107 10.12 -12.34 8.40
CA GLU A 107 9.49 -13.10 7.33
C GLU A 107 9.91 -12.50 6.00
N GLU A 108 10.04 -13.35 4.99
CA GLU A 108 10.38 -12.92 3.64
C GLU A 108 9.42 -13.59 2.67
N PHE A 109 8.18 -13.09 2.69
CA PHE A 109 7.11 -13.61 1.82
C PHE A 109 7.53 -13.38 0.38
N GLU A 110 7.57 -14.46 -0.40
CA GLU A 110 8.07 -14.37 -1.77
C GLU A 110 7.16 -15.01 -2.81
N GLY A 111 7.16 -14.35 -3.96
CA GLY A 111 6.49 -14.83 -5.14
C GLY A 111 7.48 -14.84 -6.29
N ARG A 112 7.34 -15.81 -7.18
CA ARG A 112 8.19 -15.92 -8.36
C ARG A 112 7.29 -16.14 -9.57
N ALA A 113 7.74 -15.64 -10.72
CA ALA A 113 7.03 -15.88 -11.96
C ALA A 113 7.36 -17.29 -12.47
N SER A 114 6.43 -17.88 -13.23
CA SER A 114 6.63 -19.20 -13.84
C SER A 114 6.74 -19.08 -15.36
N ASN A 115 6.67 -17.83 -15.84
CA ASN A 115 6.85 -17.47 -17.25
C ASN A 115 7.76 -16.23 -17.22
N ILE A 116 8.87 -16.25 -17.96
CA ILE A 116 9.83 -15.14 -17.91
C ILE A 116 9.22 -13.78 -18.29
N ASN A 117 8.13 -13.79 -19.05
CA ASN A 117 7.48 -12.55 -19.50
C ASN A 117 6.39 -12.05 -18.55
N THR A 118 6.17 -12.76 -17.43
CA THR A 118 5.12 -12.42 -16.48
CA THR A 118 5.11 -12.40 -16.48
C THR A 118 5.67 -11.87 -15.16
N ARG A 119 4.85 -11.05 -14.51
CA ARG A 119 5.21 -10.45 -13.24
C ARG A 119 5.20 -11.50 -12.12
N ALA A 120 6.07 -11.28 -11.14
CA ALA A 120 6.08 -12.07 -9.93
C ALA A 120 5.23 -11.26 -8.95
N SER A 121 4.51 -11.93 -8.05
CA SER A 121 3.67 -11.22 -7.10
C SER A 121 3.57 -11.94 -5.77
N VAL A 122 3.31 -11.16 -4.73
CA VAL A 122 3.15 -11.66 -3.38
C VAL A 122 2.51 -10.58 -2.52
N GLY A 123 2.00 -10.97 -1.37
CA GLY A 123 1.43 -10.01 -0.45
C GLY A 123 1.39 -10.56 0.94
N TYR A 124 0.99 -9.70 1.88
CA TYR A 124 0.83 -10.10 3.27
C TYR A 124 -0.26 -9.26 3.91
N ARG A 125 -0.93 -9.87 4.88
CA ARG A 125 -2.00 -9.25 5.64
C ARG A 125 -1.45 -8.92 7.03
N ILE A 126 -1.81 -7.74 7.52
CA ILE A 126 -1.43 -7.33 8.87
C ILE A 126 -2.57 -7.74 9.80
N PRO A 127 -2.32 -8.48 10.90
CA PRO A 127 -3.38 -8.90 11.81
C PRO A 127 -3.94 -7.71 12.58
N THR A 128 -5.19 -7.82 13.03
CA THR A 128 -5.88 -6.74 13.75
C THR A 128 -5.04 -6.15 14.89
N ASN A 129 -4.40 -7.03 15.67
CA ASN A 129 -3.57 -6.61 16.81
C ASN A 129 -2.38 -5.72 16.44
N LEU A 130 -1.98 -5.73 15.16
CA LEU A 130 -0.85 -4.91 14.70
C LEU A 130 -1.31 -3.77 13.80
N ARG A 131 -2.63 -3.52 13.74
CA ARG A 131 -3.17 -2.45 12.91
C ARG A 131 -3.27 -1.13 13.67
N GLN A 132 -2.14 -0.49 13.88
CA GLN A 132 -2.10 0.82 14.52
C GLN A 132 -1.74 1.83 13.44
N ASN A 133 -1.68 3.11 13.80
CA ASN A 133 -1.36 4.14 12.83
C ASN A 133 0.13 4.21 12.53
N THR A 134 0.42 4.78 11.37
CA THR A 134 1.78 5.04 10.91
C THR A 134 1.78 6.44 10.30
N VAL A 135 2.91 7.12 10.40
CA VAL A 135 3.10 8.46 9.88
C VAL A 135 4.19 8.45 8.81
N ALA A 136 4.33 9.57 8.10
CA ALA A 136 5.28 9.70 6.98
C ALA A 136 6.69 9.11 7.22
N ALA A 137 7.26 9.39 8.39
CA ALA A 137 8.62 8.94 8.73
C ALA A 137 8.74 7.43 8.96
N ASP A 138 7.62 6.74 9.12
CA ASP A 138 7.62 5.29 9.34
C ASP A 138 7.77 4.54 8.01
N ASN A 139 8.13 3.26 8.10
CA ASN A 139 8.27 2.39 6.94
C ASN A 139 7.27 1.25 7.05
N VAL A 140 6.76 0.80 5.91
CA VAL A 140 5.77 -0.27 5.84
C VAL A 140 6.44 -1.65 5.79
N CYS A 141 7.38 -1.80 4.86
CA CYS A 141 8.06 -3.06 4.64
C CYS A 141 9.34 -2.88 3.85
N GLU A 142 10.10 -3.97 3.72
CA GLU A 142 11.30 -4.00 2.89
C GLU A 142 10.95 -4.81 1.65
N VAL A 143 11.37 -4.31 0.49
CA VAL A 143 11.12 -4.97 -0.79
C VAL A 143 12.46 -5.43 -1.39
N ARG A 144 12.47 -6.64 -1.92
CA ARG A 144 13.63 -7.20 -2.62
C ARG A 144 13.13 -7.80 -3.93
N SER A 145 13.94 -7.68 -4.98
CA SER A 145 13.57 -8.19 -6.29
C SER A 145 14.78 -8.23 -7.21
N ASN A 146 14.66 -8.98 -8.31
CA ASN A 146 15.68 -9.01 -9.34
C ASN A 146 15.29 -8.02 -10.46
N CYS A 147 14.13 -7.35 -10.26
CA CYS A 147 13.61 -6.35 -11.19
C CYS A 147 13.89 -4.96 -10.59
N ARG A 148 14.19 -3.98 -11.47
CA ARG A 148 14.55 -2.62 -11.03
CA ARG A 148 14.55 -2.62 -11.03
CA ARG A 148 14.56 -2.62 -11.05
C ARG A 148 13.39 -1.80 -10.49
N GLN A 149 12.15 -2.29 -10.65
CA GLN A 149 10.97 -1.58 -10.14
CA GLN A 149 10.97 -1.58 -10.15
C GLN A 149 9.93 -2.59 -9.66
N VAL A 150 9.23 -2.20 -8.60
CA VAL A 150 8.17 -3.00 -7.99
C VAL A 150 6.95 -2.11 -7.82
N ALA A 151 5.80 -2.64 -8.21
CA ALA A 151 4.52 -1.95 -8.12
C ALA A 151 3.78 -2.48 -6.90
N LEU A 152 3.42 -1.57 -5.99
CA LEU A 152 2.72 -1.93 -4.77
CA LEU A 152 2.71 -1.94 -4.78
C LEU A 152 1.27 -1.44 -4.82
N VAL A 153 0.40 -2.16 -4.13
CA VAL A 153 -1.00 -1.81 -3.98
C VAL A 153 -1.25 -2.06 -2.50
N ILE A 154 -1.41 -0.97 -1.75
CA ILE A 154 -1.59 -1.06 -0.31
C ILE A 154 -3.02 -0.72 0.10
N SER A 155 -3.63 -1.67 0.81
CA SER A 155 -4.98 -1.53 1.34
CA SER A 155 -4.98 -1.52 1.33
C SER A 155 -4.87 -0.87 2.72
N CYS A 156 -5.45 0.31 2.87
CA CYS A 156 -5.32 1.02 4.13
C CYS A 156 -6.50 1.91 4.47
N CYS A 157 -6.47 2.42 5.71
N CYS A 157 -6.50 2.41 5.71
CA CYS A 157 -7.50 3.30 6.25
CA CYS A 157 -7.55 3.29 6.22
C CYS A 157 -6.88 4.63 6.65
C CYS A 157 -6.91 4.61 6.65
N PHE A 158 -7.14 5.66 5.85
CA PHE A 158 -6.63 7.00 6.13
C PHE A 158 -7.49 7.62 7.22
N ASN A 159 -6.85 8.26 8.19
CA ASN A 159 -7.56 8.88 9.30
C ASN A 159 -6.77 10.05 9.86
P PO4 E . 4.24 -15.88 -23.91
O1 PO4 E . 4.69 -14.80 -24.79
O2 PO4 E . 5.29 -16.17 -22.95
O3 PO4 E . 3.96 -17.05 -24.70
O4 PO4 E . 3.03 -15.47 -23.21
S SO4 F . 9.61 -14.87 -26.09
O1 SO4 F . 10.20 -13.60 -26.55
O2 SO4 F . 10.03 -15.14 -24.71
O3 SO4 F . 10.07 -15.97 -26.97
O4 SO4 F . 8.14 -14.78 -26.15
S SO4 G . 19.25 -12.15 -4.30
O1 SO4 G . 20.69 -12.17 -4.00
O2 SO4 G . 18.56 -11.28 -3.31
O3 SO4 G . 18.71 -13.52 -4.22
O4 SO4 G . 19.04 -11.61 -5.65
MG MG H . 1.50 -17.06 -22.40
#